data_3WD5
#
_entry.id   3WD5
#
_cell.length_a   161.849
_cell.length_b   161.849
_cell.length_c   161.849
_cell.angle_alpha   90.00
_cell.angle_beta   90.00
_cell.angle_gamma   90.00
#
_symmetry.space_group_name_H-M   'I 21 3'
#
loop_
_entity.id
_entity.type
_entity.pdbx_description
1 polymer 'Tumor necrosis factor'
2 polymer 'Adalimumab Light Chain'
3 polymer 'Adalimumab Heavy Chain'
4 water water
#
loop_
_entity_poly.entity_id
_entity_poly.type
_entity_poly.pdbx_seq_one_letter_code
_entity_poly.pdbx_strand_id
1 'polypeptide(L)'
;VRSSSRTPSDKPVAHVVANPQAEGQLQWLNDRANALLANGVELRDNQLVVPSEGLYLIYSQVLFKGQGCPSTHVLLTHTI
SRIAVSYQTKVNLLSAIKSPCQRETPEGAEAKPWYEPIYLGGVFQLEKGDRLSAEINRPDYLDFAESGQVYFGIIAL
;
A
2 'polypeptide(L)'
;DIQMTQSPSSLSASVGDRVTITCRASQGIRNYLAWYQQKPGKAPKLLIYAASTLQSGVPSRFSGSGSGTDFTLTISSLQP
EDVATYYCQRYNRAPYTFGQGTKVEIKRTVAAPSVFIFPPSDEQLKSGTASVVCLLNNFYPREAKVQWKVDNALQSGNSQ
ESVTEQDSKDSTYSLSSTLTLSKADYEKHKVYACEVTHQGLSSPVTKSFNRGE
;
L
3 'polypeptide(L)'
;EVQLVESGGGLVQPGRSLRLSCAASGFTFDDYAMHWVRQAPGKGLEWVSAITWNSGHIDYADSVEGRFTISRDNAKNSLY
LDMNSLRAEDTAVYYCAKVSYLSTASSLDYWGQGTLVTVSSASTKGPSVFPLAPSSKSTSGGTAALGCLVKDYFPEPVTV
SWNSGALTSGVHTFPAVLQSSGLYSLSSVVTVPSSSLGTQTYICNVNHKPSNTKVDKKI
;
H
#
# COMPACT_ATOMS: atom_id res chain seq x y z
N ARG A 6 -22.61 -2.19 35.30
CA ARG A 6 -21.44 -1.40 35.62
C ARG A 6 -21.78 -0.18 36.49
N THR A 7 -21.47 -0.20 37.79
CA THR A 7 -20.58 -1.15 38.48
C THR A 7 -20.92 -1.26 40.00
N PRO A 8 -20.72 -2.45 40.64
CA PRO A 8 -20.86 -2.51 42.11
C PRO A 8 -19.75 -1.76 42.84
N SER A 9 -19.94 -1.42 44.11
CA SER A 9 -19.12 -0.46 44.87
C SER A 9 -19.85 0.85 44.79
N ASP A 10 -20.04 1.50 45.93
CA ASP A 10 -20.77 2.74 45.94
C ASP A 10 -19.83 3.94 46.05
N LYS A 11 -18.53 3.66 46.01
CA LYS A 11 -17.49 4.68 46.08
C LYS A 11 -17.41 5.41 44.76
N PRO A 12 -17.66 6.73 44.78
CA PRO A 12 -17.62 7.55 43.57
C PRO A 12 -16.30 7.42 42.83
N VAL A 13 -16.38 7.20 41.53
CA VAL A 13 -15.19 6.93 40.71
C VAL A 13 -15.28 7.50 39.33
N ALA A 14 -14.11 7.72 38.75
CA ALA A 14 -13.99 8.05 37.34
C ALA A 14 -12.58 7.73 36.92
N HIS A 15 -12.44 6.97 35.85
CA HIS A 15 -11.20 6.87 35.13
C HIS A 15 -11.56 7.25 33.71
N VAL A 16 -11.19 8.45 33.29
CA VAL A 16 -11.54 8.88 31.92
C VAL A 16 -10.35 8.98 31.01
N VAL A 17 -10.65 8.99 29.72
CA VAL A 17 -9.66 8.76 28.69
C VAL A 17 -9.79 9.84 27.60
N ALA A 18 -8.72 10.10 26.85
CA ALA A 18 -8.73 11.20 25.88
C ALA A 18 -9.48 10.91 24.56
N ASN A 19 -10.06 11.94 23.95
CA ASN A 19 -10.62 11.80 22.60
C ASN A 19 -9.52 11.92 21.55
N PRO A 20 -9.30 10.85 20.77
CA PRO A 20 -8.23 10.95 19.77
C PRO A 20 -8.69 11.75 18.57
N GLN A 21 -9.98 11.68 18.30
CA GLN A 21 -10.56 12.29 17.11
C GLN A 21 -10.97 13.72 17.43
N ALA A 22 -10.29 14.29 18.43
CA ALA A 22 -10.56 15.66 18.87
C ALA A 22 -9.27 16.47 18.84
N GLU A 23 -8.74 16.66 17.64
CA GLU A 23 -7.57 17.49 17.39
C GLU A 23 -7.53 18.81 18.18
N GLY A 24 -6.32 19.13 18.65
CA GLY A 24 -6.06 20.47 19.14
C GLY A 24 -6.44 20.72 20.58
N GLN A 25 -6.76 19.66 21.31
CA GLN A 25 -7.10 19.81 22.71
C GLN A 25 -7.11 18.46 23.42
N LEU A 26 -7.19 18.50 24.74
CA LEU A 26 -7.35 17.30 25.53
C LEU A 26 -8.80 17.22 25.98
N GLN A 27 -9.57 16.33 25.35
CA GLN A 27 -10.96 16.07 25.72
C GLN A 27 -11.06 14.72 26.42
N TRP A 28 -11.81 14.66 27.51
CA TRP A 28 -11.95 13.42 28.26
C TRP A 28 -13.22 12.66 27.87
N LEU A 29 -13.05 11.44 27.38
CA LEU A 29 -14.20 10.60 27.05
C LEU A 29 -14.49 9.62 28.18
N ASN A 30 -15.78 9.52 28.54
CA ASN A 30 -16.23 8.56 29.55
C ASN A 30 -16.88 7.34 28.93
N ASP A 31 -17.50 7.55 27.77
CA ASP A 31 -18.27 6.53 27.07
C ASP A 31 -17.41 5.53 26.26
N ARG A 32 -16.44 4.88 26.90
CA ARG A 32 -15.56 3.90 26.23
C ARG A 32 -15.11 2.73 27.13
N ALA A 33 -14.44 1.74 26.50
CA ALA A 33 -13.47 0.78 27.09
C ALA A 33 -13.47 0.47 28.60
N ASN A 34 -12.29 0.42 29.21
CA ASN A 34 -12.26 0.49 30.67
C ASN A 34 -12.17 1.93 31.06
N ALA A 35 -13.25 2.67 30.83
CA ALA A 35 -13.45 4.00 31.42
C ALA A 35 -14.59 3.98 32.45
N LEU A 36 -14.41 4.75 33.52
CA LEU A 36 -15.35 4.75 34.62
C LEU A 36 -15.90 6.15 34.86
N LEU A 37 -17.07 6.21 35.49
CA LEU A 37 -17.72 7.47 35.78
C LEU A 37 -18.99 7.10 36.52
N ALA A 38 -18.93 6.99 37.85
CA ALA A 38 -20.04 6.41 38.58
C ALA A 38 -20.20 6.92 40.00
N ASN A 39 -21.37 6.62 40.57
CA ASN A 39 -21.69 6.97 41.96
C ASN A 39 -21.60 8.44 42.22
N GLY A 40 -21.99 9.25 41.22
CA GLY A 40 -22.29 10.65 41.43
C GLY A 40 -21.30 11.61 40.81
N VAL A 41 -20.12 11.07 40.51
CA VAL A 41 -19.10 11.82 39.82
C VAL A 41 -19.61 12.11 38.41
N GLU A 42 -19.35 13.33 37.92
CA GLU A 42 -19.72 13.65 36.56
C GLU A 42 -18.65 14.46 35.78
N LEU A 43 -18.62 14.24 34.46
CA LEU A 43 -17.70 14.93 33.56
C LEU A 43 -18.47 16.00 32.80
N ARG A 44 -18.12 17.27 33.00
CA ARG A 44 -19.01 18.32 32.53
C ARG A 44 -18.44 19.43 31.61
N ASP A 45 -17.59 20.31 32.09
CA ASP A 45 -17.03 21.26 31.12
C ASP A 45 -15.62 20.79 30.92
N ASN A 46 -15.54 19.48 30.71
CA ASN A 46 -14.30 18.72 30.62
C ASN A 46 -13.56 18.57 31.93
N GLN A 47 -14.30 18.72 33.03
CA GLN A 47 -13.73 18.66 34.35
C GLN A 47 -14.42 17.57 35.16
N LEU A 48 -13.68 16.86 35.99
CA LEU A 48 -14.29 15.87 36.89
C LEU A 48 -14.96 16.55 38.08
N VAL A 49 -16.22 16.20 38.34
CA VAL A 49 -16.95 16.89 39.39
C VAL A 49 -17.28 16.03 40.62
N VAL A 50 -16.85 16.50 41.78
CA VAL A 50 -16.98 15.82 43.09
C VAL A 50 -18.40 15.88 43.73
N PRO A 51 -19.01 14.70 43.99
CA PRO A 51 -20.34 14.62 44.59
C PRO A 51 -20.38 14.69 46.10
N SER A 52 -19.24 14.57 46.79
CA SER A 52 -19.22 14.48 48.25
C SER A 52 -17.93 15.04 48.85
N GLU A 53 -18.02 15.64 50.03
CA GLU A 53 -16.86 15.93 50.85
C GLU A 53 -16.17 14.60 51.03
N GLY A 54 -14.84 14.59 50.99
CA GLY A 54 -14.12 13.37 51.30
C GLY A 54 -12.68 13.41 50.88
N LEU A 55 -11.96 12.32 51.18
CA LEU A 55 -10.61 12.12 50.67
C LEU A 55 -10.72 11.46 49.33
N TYR A 56 -9.92 11.95 48.38
CA TYR A 56 -9.94 11.43 47.03
C TYR A 56 -8.53 11.25 46.52
N LEU A 57 -8.26 10.08 45.95
CA LEU A 57 -7.04 9.89 45.19
C LEU A 57 -7.31 10.37 43.76
N ILE A 58 -6.45 11.26 43.28
CA ILE A 58 -6.56 11.82 41.95
C ILE A 58 -5.30 11.46 41.19
N TYR A 59 -5.44 10.99 39.96
CA TYR A 59 -4.29 10.72 39.14
C TYR A 59 -4.56 11.11 37.71
N SER A 60 -3.50 11.31 36.95
CA SER A 60 -3.62 11.54 35.52
C SER A 60 -2.30 11.13 34.90
N GLN A 61 -2.33 10.61 33.69
CA GLN A 61 -1.10 10.48 32.94
C GLN A 61 -1.32 11.01 31.55
N VAL A 62 -0.28 11.60 31.03
CA VAL A 62 -0.32 12.18 29.72
C VAL A 62 0.94 11.67 29.01
N LEU A 63 0.87 11.50 27.69
CA LEU A 63 2.02 11.03 26.91
C LEU A 63 2.32 11.94 25.69
N PHE A 64 3.42 12.66 25.74
CA PHE A 64 3.79 13.55 24.64
C PHE A 64 4.72 12.87 23.64
N LYS A 65 4.64 13.26 22.38
CA LYS A 65 5.56 12.69 21.39
C LYS A 65 5.92 13.67 20.29
N GLY A 66 6.96 13.34 19.55
CA GLY A 66 7.36 14.14 18.41
C GLY A 66 8.44 13.42 17.63
N GLN A 67 8.84 13.97 16.49
CA GLN A 67 9.98 13.45 15.73
C GLN A 67 11.05 14.55 15.49
N GLY A 68 12.22 14.41 16.11
CA GLY A 68 13.27 15.41 16.01
C GLY A 68 13.00 16.68 16.80
N CYS A 69 13.97 17.60 16.84
CA CYS A 69 13.86 18.84 17.61
C CYS A 69 14.05 20.13 16.80
N PRO A 70 13.21 21.13 17.06
CA PRO A 70 13.16 22.37 16.27
C PRO A 70 13.77 23.60 16.95
N SER A 71 12.99 24.67 17.02
CA SER A 71 13.32 25.90 17.76
C SER A 71 13.78 25.63 19.17
N THR A 72 15.08 25.85 19.42
CA THR A 72 15.78 25.58 20.69
C THR A 72 14.99 24.89 21.83
N HIS A 73 13.77 25.35 22.11
CA HIS A 73 13.05 24.79 23.24
C HIS A 73 11.55 24.94 23.31
N VAL A 74 10.89 23.79 23.47
CA VAL A 74 9.54 23.73 23.97
C VAL A 74 9.51 22.80 25.19
N LEU A 75 8.79 23.24 26.22
CA LEU A 75 8.69 22.54 27.49
C LEU A 75 7.27 22.02 27.57
N LEU A 76 7.09 20.77 27.97
CA LEU A 76 5.75 20.20 28.17
C LEU A 76 5.37 20.23 29.64
N THR A 77 4.12 20.56 29.92
CA THR A 77 3.64 20.49 31.29
C THR A 77 2.25 19.89 31.39
N HIS A 78 1.96 19.34 32.56
CA HIS A 78 0.72 18.61 32.88
C HIS A 78 0.35 18.93 34.32
N THR A 79 -0.89 19.38 34.54
CA THR A 79 -1.31 19.74 35.89
C THR A 79 -2.72 19.29 36.21
N ILE A 80 -3.00 19.08 37.50
CA ILE A 80 -4.35 18.88 38.00
C ILE A 80 -4.77 20.01 38.93
N SER A 81 -5.82 20.73 38.52
CA SER A 81 -6.27 21.92 39.22
C SER A 81 -7.51 21.57 39.98
N ARG A 82 -7.66 22.23 41.12
CA ARG A 82 -8.92 22.24 41.81
C ARG A 82 -9.55 23.61 41.62
N ILE A 83 -10.77 23.65 41.12
CA ILE A 83 -11.55 24.87 41.18
C ILE A 83 -12.68 24.61 42.17
N ALA A 84 -12.83 25.50 43.14
CA ALA A 84 -13.67 25.20 44.30
C ALA A 84 -15.01 25.94 44.35
N VAL A 85 -15.97 25.36 45.06
CA VAL A 85 -17.30 25.93 45.24
C VAL A 85 -17.31 27.13 46.20
N SER A 86 -16.44 27.07 47.22
CA SER A 86 -16.21 28.24 48.09
C SER A 86 -15.12 29.14 47.48
N TYR A 87 -13.86 28.69 47.55
CA TYR A 87 -12.78 29.33 46.79
C TYR A 87 -13.14 29.31 45.30
N GLN A 88 -13.98 30.24 44.84
CA GLN A 88 -14.42 30.25 43.43
C GLN A 88 -13.25 30.34 42.41
N THR A 89 -12.03 30.33 42.96
CA THR A 89 -10.78 30.40 42.23
C THR A 89 -10.17 28.99 42.02
N LYS A 90 -8.97 28.93 41.43
CA LYS A 90 -8.35 27.67 41.01
C LYS A 90 -6.89 27.52 41.42
N VAL A 91 -6.48 26.31 41.82
CA VAL A 91 -5.10 26.05 42.26
C VAL A 91 -4.56 24.68 41.85
N ASN A 92 -3.27 24.60 41.52
CA ASN A 92 -2.65 23.31 41.20
C ASN A 92 -2.55 22.38 42.40
N LEU A 93 -3.04 21.16 42.25
CA LEU A 93 -2.84 20.13 43.28
C LEU A 93 -1.60 19.33 42.94
N LEU A 94 -1.44 19.09 41.64
CA LEU A 94 -0.34 18.30 41.11
C LEU A 94 0.17 18.95 39.82
N SER A 95 1.49 19.04 39.67
CA SER A 95 2.14 19.59 38.47
C SER A 95 3.40 18.83 38.12
N ALA A 96 3.89 19.09 36.91
CA ALA A 96 5.13 18.52 36.41
C ALA A 96 5.42 19.15 35.07
N ILE A 97 6.68 19.53 34.86
CA ILE A 97 7.17 20.01 33.57
C ILE A 97 8.18 19.00 33.02
N LYS A 98 8.26 18.90 31.69
CA LYS A 98 9.17 17.97 31.04
C LYS A 98 9.86 18.61 29.86
N SER A 99 11.16 18.38 29.75
CA SER A 99 11.89 18.87 28.60
C SER A 99 12.44 17.74 27.78
N PRO A 100 11.88 17.56 26.57
CA PRO A 100 12.36 16.59 25.60
C PRO A 100 13.51 17.23 24.84
N CYS A 101 14.01 16.60 23.79
CA CYS A 101 15.09 17.13 22.92
C CYS A 101 15.71 18.50 23.30
N GLN A 102 16.93 18.44 23.86
CA GLN A 102 17.66 19.63 24.34
C GLN A 102 18.29 20.44 23.20
N ARG A 103 17.56 21.44 22.71
CA ARG A 103 17.82 22.10 21.42
C ARG A 103 18.20 21.20 20.23
N GLU A 104 18.83 20.07 20.53
CA GLU A 104 19.56 19.23 19.57
C GLU A 104 19.53 19.64 18.10
N THR A 105 18.32 19.84 17.58
CA THR A 105 18.08 20.18 16.17
C THR A 105 19.02 19.43 15.24
N PRO A 106 18.69 18.17 14.96
CA PRO A 106 19.62 17.31 14.22
C PRO A 106 19.93 17.85 12.81
N GLU A 107 20.29 19.13 12.71
CA GLU A 107 20.35 19.81 11.41
C GLU A 107 21.37 19.20 10.45
N GLY A 108 22.24 18.34 10.98
CA GLY A 108 22.97 17.40 10.14
C GLY A 108 21.92 16.69 9.31
N ALA A 109 21.23 15.73 9.93
CA ALA A 109 20.07 15.05 9.32
C ALA A 109 19.36 14.18 10.35
N GLU A 110 18.37 13.41 9.88
CA GLU A 110 17.73 12.33 10.65
C GLU A 110 16.88 12.79 11.83
N ALA A 111 15.59 12.44 11.82
CA ALA A 111 14.66 12.88 12.86
C ALA A 111 14.06 11.69 13.59
N LYS A 112 14.40 11.56 14.86
CA LYS A 112 14.02 10.38 15.61
C LYS A 112 12.73 10.60 16.40
N PRO A 113 12.01 9.51 16.65
CA PRO A 113 10.84 9.56 17.51
C PRO A 113 11.23 9.85 18.96
N TRP A 114 10.58 10.82 19.60
CA TRP A 114 10.77 10.99 21.03
C TRP A 114 9.43 10.89 21.74
N TYR A 115 9.42 10.30 22.93
CA TYR A 115 8.19 10.18 23.73
C TYR A 115 8.46 10.59 25.16
N GLU A 116 7.58 11.41 25.71
CA GLU A 116 7.72 11.86 27.08
C GLU A 116 6.40 11.79 27.84
N PRO A 117 6.26 10.77 28.70
CA PRO A 117 5.09 10.62 29.58
C PRO A 117 5.22 11.47 30.84
N ILE A 118 4.10 11.86 31.45
CA ILE A 118 4.13 12.57 32.71
C ILE A 118 3.08 11.99 33.66
N TYR A 119 3.48 11.51 34.84
CA TYR A 119 2.49 10.99 35.80
C TYR A 119 2.20 11.87 37.01
N LEU A 120 0.92 12.11 37.25
CA LEU A 120 0.49 12.84 38.43
C LEU A 120 -0.44 11.99 39.29
N GLY A 121 -0.11 11.88 40.58
CA GLY A 121 -0.97 11.19 41.53
C GLY A 121 -0.77 11.73 42.93
N GLY A 122 -1.81 11.71 43.76
CA GLY A 122 -1.76 12.19 45.13
C GLY A 122 -3.14 12.20 45.76
N VAL A 123 -3.22 12.29 47.09
CA VAL A 123 -4.51 12.29 47.79
C VAL A 123 -4.87 13.67 48.33
N PHE A 124 -6.11 14.08 48.10
CA PHE A 124 -6.54 15.40 48.48
C PHE A 124 -7.89 15.37 49.16
N GLN A 125 -8.13 16.33 50.06
CA GLN A 125 -9.46 16.49 50.59
C GLN A 125 -10.23 17.47 49.71
N LEU A 126 -11.43 17.07 49.29
CA LEU A 126 -12.25 17.89 48.40
C LEU A 126 -13.65 18.04 48.93
N GLU A 127 -14.35 19.08 48.48
CA GLU A 127 -15.69 19.38 48.95
C GLU A 127 -16.71 19.11 47.85
N LYS A 128 -17.95 18.84 48.25
CA LYS A 128 -19.00 18.53 47.30
C LYS A 128 -19.02 19.64 46.25
N GLY A 129 -19.00 19.26 44.98
CA GLY A 129 -19.15 20.23 43.91
C GLY A 129 -17.87 20.90 43.41
N ASP A 130 -16.75 20.60 44.07
CA ASP A 130 -15.44 20.99 43.59
C ASP A 130 -15.27 20.39 42.19
N ARG A 131 -14.60 21.12 41.31
CA ARG A 131 -14.36 20.66 39.95
C ARG A 131 -12.87 20.44 39.73
N LEU A 132 -12.49 19.20 39.41
CA LEU A 132 -11.11 18.86 39.10
C LEU A 132 -10.78 19.04 37.62
N SER A 133 -9.60 19.56 37.32
CA SER A 133 -9.24 19.84 35.94
C SER A 133 -7.85 19.29 35.54
N ALA A 134 -7.77 18.52 34.47
CA ALA A 134 -6.48 18.00 33.99
C ALA A 134 -6.08 18.65 32.66
N GLU A 135 -5.03 19.47 32.70
CA GLU A 135 -4.65 20.31 31.55
C GLU A 135 -3.22 20.10 31.10
N ILE A 136 -2.94 20.40 29.83
CA ILE A 136 -1.57 20.50 29.32
C ILE A 136 -1.42 21.76 28.50
N ASN A 137 -0.17 22.16 28.29
CA ASN A 137 0.14 23.37 27.54
C ASN A 137 0.13 23.14 26.01
N ARG A 138 0.66 22.00 25.58
CA ARG A 138 0.78 21.69 24.15
C ARG A 138 0.02 20.41 23.76
N PRO A 139 -1.32 20.50 23.62
CA PRO A 139 -2.18 19.36 23.28
C PRO A 139 -1.80 18.73 21.96
N ASP A 140 -1.15 19.49 21.10
CA ASP A 140 -0.80 19.02 19.77
C ASP A 140 0.42 18.13 19.79
N TYR A 141 1.03 17.99 20.96
CA TYR A 141 2.17 17.09 21.10
C TYR A 141 1.78 15.77 21.75
N LEU A 142 0.49 15.61 22.01
CA LEU A 142 -0.04 14.35 22.55
C LEU A 142 0.02 13.18 21.57
N ASP A 143 0.15 11.98 22.13
CA ASP A 143 0.01 10.74 21.36
C ASP A 143 -1.42 10.16 21.46
N PHE A 144 -2.19 10.25 20.39
CA PHE A 144 -3.56 9.78 20.40
C PHE A 144 -3.71 8.38 19.80
N ALA A 145 -2.58 7.69 19.59
CA ALA A 145 -2.56 6.51 18.74
C ALA A 145 -2.98 5.22 19.41
N GLU A 146 -2.80 5.12 20.74
CA GLU A 146 -3.06 3.85 21.45
C GLU A 146 -3.66 3.97 22.87
N SER A 147 -4.16 2.84 23.35
CA SER A 147 -5.12 2.73 24.47
C SER A 147 -4.81 3.41 25.79
N GLY A 148 -3.95 2.79 26.60
CA GLY A 148 -3.85 3.18 28.00
C GLY A 148 -2.88 4.31 28.21
N GLN A 149 -2.86 5.26 27.29
CA GLN A 149 -1.72 6.13 27.16
C GLN A 149 -1.91 7.47 27.82
N VAL A 150 -3.11 8.05 27.68
CA VAL A 150 -3.47 9.27 28.41
C VAL A 150 -4.85 9.19 29.09
N TYR A 151 -4.89 9.57 30.35
CA TYR A 151 -6.06 9.34 31.17
C TYR A 151 -6.03 10.19 32.44
N PHE A 152 -7.19 10.24 33.10
CA PHE A 152 -7.42 11.12 34.24
C PHE A 152 -8.43 10.39 35.14
N GLY A 153 -8.06 10.13 36.38
CA GLY A 153 -8.94 9.38 37.26
C GLY A 153 -9.03 9.95 38.65
N ILE A 154 -10.09 9.61 39.37
CA ILE A 154 -10.20 9.85 40.81
C ILE A 154 -11.01 8.75 41.46
N ILE A 155 -10.79 8.54 42.76
CA ILE A 155 -11.62 7.62 43.54
C ILE A 155 -11.75 8.11 44.98
N ALA A 156 -12.97 8.02 45.52
CA ALA A 156 -13.20 8.36 46.90
C ALA A 156 -12.65 7.26 47.78
N LEU A 157 -12.07 7.64 48.90
CA LEU A 157 -11.62 6.68 49.91
C LEU A 157 -12.50 6.79 51.17
N ASP B 1 -12.39 10.80 9.24
CA ASP B 1 -11.98 12.10 8.69
C ASP B 1 -10.56 12.04 8.13
N ILE B 2 -9.98 13.20 7.83
CA ILE B 2 -8.64 13.36 7.20
C ILE B 2 -8.62 13.04 5.71
N GLN B 3 -8.15 14.01 4.93
CA GLN B 3 -7.98 13.78 3.53
C GLN B 3 -6.54 14.09 3.16
N MET B 4 -5.88 13.06 2.63
CA MET B 4 -4.57 13.19 2.03
C MET B 4 -4.73 13.39 0.54
N THR B 5 -4.31 14.56 0.04
CA THR B 5 -4.53 14.95 -1.34
C THR B 5 -3.24 15.31 -2.06
N GLN B 6 -2.74 14.41 -2.90
CA GLN B 6 -1.53 14.73 -3.63
C GLN B 6 -1.78 15.25 -5.04
N SER B 7 -1.09 16.34 -5.37
CA SER B 7 -1.08 16.87 -6.72
C SER B 7 0.35 16.87 -7.24
N PRO B 8 0.53 16.58 -8.54
CA PRO B 8 -0.51 16.21 -9.50
C PRO B 8 -0.89 14.74 -9.43
N SER B 9 -1.79 14.29 -10.29
CA SER B 9 -2.15 12.86 -10.31
C SER B 9 -1.23 12.09 -11.22
N SER B 10 -0.70 12.77 -12.23
CA SER B 10 0.21 12.17 -13.20
C SER B 10 1.23 13.21 -13.61
N LEU B 11 2.44 12.77 -13.94
CA LEU B 11 3.39 13.68 -14.57
C LEU B 11 4.41 12.98 -15.46
N SER B 12 4.69 13.58 -16.62
CA SER B 12 5.80 13.13 -17.45
C SER B 12 6.95 14.12 -17.31
N ALA B 13 8.19 13.63 -17.35
CA ALA B 13 9.33 14.52 -17.21
C ALA B 13 10.58 13.95 -17.87
N SER B 14 11.58 14.80 -18.08
CA SER B 14 12.79 14.34 -18.73
C SER B 14 13.83 13.79 -17.77
N VAL B 15 14.51 12.72 -18.17
CA VAL B 15 15.58 12.16 -17.37
C VAL B 15 16.50 13.29 -17.06
N GLY B 16 16.87 13.44 -15.79
CA GLY B 16 17.65 14.58 -15.37
C GLY B 16 16.82 15.74 -14.86
N ASP B 17 15.63 15.96 -15.45
CA ASP B 17 14.72 17.00 -14.95
C ASP B 17 14.41 16.70 -13.51
N ARG B 18 14.18 17.75 -12.72
CA ARG B 18 13.79 17.59 -11.33
C ARG B 18 12.26 17.59 -11.18
N VAL B 19 11.76 16.68 -10.37
CA VAL B 19 10.34 16.39 -10.24
C VAL B 19 9.80 16.76 -8.86
N THR B 20 8.60 17.34 -8.81
CA THR B 20 7.99 17.76 -7.54
C THR B 20 6.56 17.26 -7.37
N ILE B 21 6.33 16.56 -6.26
CA ILE B 21 5.02 16.00 -5.91
C ILE B 21 4.64 16.57 -4.54
N THR B 22 3.38 16.95 -4.39
CA THR B 22 2.93 17.68 -3.19
C THR B 22 1.82 16.92 -2.47
N CYS B 23 1.66 17.15 -1.17
CA CYS B 23 0.65 16.44 -0.36
C CYS B 23 -0.05 17.41 0.57
N ARG B 24 -1.34 17.63 0.45
CA ARG B 24 -2.00 18.45 1.45
C ARG B 24 -2.97 17.68 2.36
N ALA B 25 -2.75 17.83 3.66
CA ALA B 25 -3.59 17.23 4.69
C ALA B 25 -4.73 18.16 5.11
N SER B 26 -5.90 17.59 5.37
CA SER B 26 -7.10 18.36 5.67
C SER B 26 -7.12 18.79 7.12
N GLN B 27 -6.20 18.22 7.90
CA GLN B 27 -5.89 18.68 9.24
C GLN B 27 -4.44 18.39 9.50
N GLY B 28 -3.78 19.24 10.28
CA GLY B 28 -2.36 19.12 10.53
C GLY B 28 -1.95 17.76 11.06
N ILE B 29 -0.78 17.30 10.62
CA ILE B 29 -0.26 16.03 11.09
C ILE B 29 1.19 16.15 11.55
N ARG B 30 1.60 17.36 11.92
CA ARG B 30 2.99 17.62 12.28
C ARG B 30 3.92 17.18 11.16
N ASN B 31 4.88 16.32 11.47
CA ASN B 31 5.72 15.70 10.44
C ASN B 31 5.47 14.18 10.33
N TYR B 32 4.33 13.72 10.84
CA TYR B 32 3.97 12.32 10.77
C TYR B 32 3.47 11.91 9.38
N LEU B 33 4.35 12.06 8.39
CA LEU B 33 4.03 11.79 7.00
C LEU B 33 5.18 11.03 6.39
N ALA B 34 4.87 10.01 5.60
CA ALA B 34 5.88 9.26 4.87
C ALA B 34 5.57 9.16 3.38
N TRP B 35 6.60 9.00 2.56
CA TRP B 35 6.43 8.78 1.13
C TRP B 35 6.82 7.35 0.77
N TYR B 36 5.96 6.71 -0.02
CA TYR B 36 6.22 5.35 -0.48
C TYR B 36 6.32 5.32 -1.99
N GLN B 37 7.32 4.60 -2.48
CA GLN B 37 7.47 4.37 -3.89
C GLN B 37 6.89 3.02 -4.18
N GLN B 38 6.07 2.93 -5.22
CA GLN B 38 5.61 1.61 -5.68
C GLN B 38 5.75 1.47 -7.18
N LYS B 39 6.56 0.49 -7.58
CA LYS B 39 6.79 0.12 -8.96
C LYS B 39 5.73 -0.87 -9.39
N PRO B 40 5.49 -0.98 -10.71
CA PRO B 40 4.39 -1.80 -11.22
C PRO B 40 4.44 -3.24 -10.74
N GLY B 41 3.42 -3.65 -9.98
CA GLY B 41 3.28 -5.01 -9.49
C GLY B 41 4.08 -5.34 -8.25
N LYS B 42 5.14 -4.58 -8.01
CA LYS B 42 6.02 -4.78 -6.87
C LYS B 42 5.40 -4.29 -5.55
N ALA B 43 6.04 -4.64 -4.44
CA ALA B 43 5.64 -4.11 -3.12
C ALA B 43 6.16 -2.67 -2.93
N PRO B 44 5.39 -1.83 -2.23
CA PRO B 44 5.89 -0.45 -2.08
C PRO B 44 7.07 -0.37 -1.12
N LYS B 45 7.97 0.57 -1.37
CA LYS B 45 9.15 0.80 -0.54
C LYS B 45 9.07 2.16 0.11
N LEU B 46 9.48 2.26 1.37
CA LEU B 46 9.51 3.54 2.07
C LEU B 46 10.68 4.44 1.64
N LEU B 47 10.38 5.66 1.22
CA LEU B 47 11.41 6.59 0.75
C LEU B 47 11.82 7.61 1.80
N ILE B 48 10.81 8.33 2.30
CA ILE B 48 10.99 9.35 3.32
C ILE B 48 10.05 9.05 4.48
N TYR B 49 10.51 9.30 5.70
CA TYR B 49 9.62 9.36 6.86
C TYR B 49 9.95 10.63 7.64
N ALA B 50 9.05 11.02 8.53
CA ALA B 50 9.14 12.30 9.26
C ALA B 50 9.28 13.49 8.31
N ALA B 51 8.62 13.38 7.15
CA ALA B 51 8.61 14.40 6.11
C ALA B 51 9.90 14.57 5.29
N SER B 52 11.05 14.31 5.90
CA SER B 52 12.30 14.77 5.31
C SER B 52 13.47 13.76 5.41
N THR B 53 13.34 12.78 6.31
CA THR B 53 14.41 11.82 6.53
C THR B 53 14.36 10.70 5.51
N LEU B 54 15.36 10.65 4.66
CA LEU B 54 15.53 9.55 3.72
C LEU B 54 15.69 8.23 4.46
N GLN B 55 15.00 7.20 3.99
CA GLN B 55 15.21 5.86 4.49
C GLN B 55 16.64 5.45 4.09
N SER B 56 17.32 4.66 4.92
CA SER B 56 18.65 4.17 4.59
C SER B 56 18.59 3.42 3.28
N GLY B 57 19.65 3.53 2.48
CA GLY B 57 19.72 2.82 1.22
C GLY B 57 18.86 3.40 0.10
N VAL B 58 18.30 4.58 0.32
CA VAL B 58 17.51 5.25 -0.70
C VAL B 58 18.32 6.42 -1.24
N PRO B 59 18.57 6.43 -2.58
CA PRO B 59 19.39 7.43 -3.29
C PRO B 59 19.08 8.82 -2.81
N SER B 60 20.08 9.70 -2.76
CA SER B 60 19.86 11.01 -2.14
C SER B 60 19.22 12.07 -3.05
N ARG B 61 18.90 11.71 -4.28
CA ARG B 61 18.21 12.66 -5.16
C ARG B 61 16.79 12.87 -4.65
N PHE B 62 16.31 11.91 -3.88
CA PHE B 62 15.02 12.03 -3.24
C PHE B 62 15.09 12.96 -2.01
N SER B 63 14.11 13.84 -1.89
CA SER B 63 14.05 14.74 -0.74
C SER B 63 12.59 15.02 -0.37
N GLY B 64 12.35 15.33 0.90
CA GLY B 64 11.02 15.75 1.34
C GLY B 64 11.07 17.01 2.20
N SER B 65 9.91 17.59 2.46
CA SER B 65 9.84 18.77 3.30
C SER B 65 8.40 19.02 3.76
N GLY B 66 8.25 19.94 4.72
CA GLY B 66 6.94 20.36 5.18
C GLY B 66 6.60 19.88 6.57
N SER B 67 5.86 20.72 7.30
CA SER B 67 5.26 20.31 8.56
C SER B 67 3.83 20.85 8.57
N GLY B 68 2.90 20.08 9.11
CA GLY B 68 1.55 20.55 9.29
C GLY B 68 0.64 19.97 8.25
N THR B 69 0.46 20.66 7.14
CA THR B 69 -0.53 20.22 6.16
C THR B 69 0.01 20.06 4.75
N ASP B 70 1.07 20.79 4.42
CA ASP B 70 1.61 20.78 3.06
C ASP B 70 3.06 20.26 2.96
N PHE B 71 3.24 19.22 2.15
CA PHE B 71 4.48 18.46 2.11
C PHE B 71 4.94 18.31 0.67
N THR B 72 6.22 18.01 0.48
CA THR B 72 6.73 17.96 -0.88
C THR B 72 7.80 16.93 -1.10
N LEU B 73 7.52 15.95 -1.94
CA LEU B 73 8.52 14.98 -2.36
C LEU B 73 9.22 15.49 -3.61
N THR B 74 10.55 15.45 -3.60
CA THR B 74 11.32 16.02 -4.69
C THR B 74 12.37 15.04 -5.17
N ILE B 75 12.42 14.82 -6.48
CA ILE B 75 13.49 14.05 -7.11
C ILE B 75 14.30 15.04 -7.90
N SER B 76 15.50 15.35 -7.42
CA SER B 76 16.30 16.45 -7.98
C SER B 76 16.81 16.21 -9.41
N SER B 77 16.84 14.94 -9.82
CA SER B 77 17.36 14.54 -11.12
C SER B 77 16.73 13.19 -11.50
N LEU B 78 15.57 13.26 -12.16
CA LEU B 78 14.79 12.08 -12.50
C LEU B 78 15.61 11.07 -13.30
N GLN B 79 15.29 9.80 -13.11
CA GLN B 79 16.12 8.70 -13.55
C GLN B 79 15.21 7.65 -14.17
N PRO B 80 15.74 6.83 -15.10
CA PRO B 80 14.86 5.81 -15.69
C PRO B 80 14.22 4.86 -14.66
N GLU B 81 14.91 4.56 -13.56
CA GLU B 81 14.36 3.61 -12.59
C GLU B 81 13.40 4.31 -11.64
N ASP B 82 13.35 5.62 -11.68
CA ASP B 82 12.46 6.33 -10.78
C ASP B 82 11.00 6.26 -11.27
N VAL B 83 10.77 5.56 -12.37
CA VAL B 83 9.41 5.39 -12.89
C VAL B 83 8.51 4.56 -11.95
N ALA B 84 7.61 5.23 -11.24
CA ALA B 84 6.75 4.51 -10.30
C ALA B 84 5.52 5.33 -9.92
N THR B 85 4.74 4.82 -8.99
CA THR B 85 3.68 5.61 -8.40
C THR B 85 4.04 5.90 -6.94
N TYR B 86 3.94 7.16 -6.54
CA TYR B 86 4.34 7.56 -5.21
C TYR B 86 3.13 7.91 -4.34
N TYR B 87 3.15 7.46 -3.09
CA TYR B 87 2.06 7.75 -2.16
C TYR B 87 2.56 8.36 -0.85
N CYS B 88 1.94 9.46 -0.43
CA CYS B 88 2.17 9.98 0.92
C CYS B 88 1.27 9.24 1.91
N GLN B 89 1.69 9.16 3.16
CA GLN B 89 0.89 8.54 4.20
C GLN B 89 0.96 9.33 5.51
N ARG B 90 -0.18 9.45 6.15
CA ARG B 90 -0.31 9.97 7.51
C ARG B 90 0.03 8.87 8.54
N TYR B 91 0.78 9.18 9.59
CA TYR B 91 0.94 8.17 10.63
C TYR B 91 0.88 8.60 12.10
N ASN B 92 -0.07 9.45 12.48
CA ASN B 92 -0.10 9.99 13.86
C ASN B 92 -0.52 9.18 15.12
N ARG B 93 -1.73 8.67 15.40
CA ARG B 93 -3.09 8.73 14.82
C ARG B 93 -3.50 7.83 13.62
N ALA B 94 -4.37 6.87 13.95
CA ALA B 94 -5.10 6.07 13.00
C ALA B 94 -6.28 6.90 12.59
N PRO B 95 -6.86 6.63 11.40
CA PRO B 95 -6.49 5.68 10.35
C PRO B 95 -5.26 6.16 9.54
N TYR B 96 -4.40 5.23 9.12
CA TYR B 96 -3.13 5.62 8.53
C TYR B 96 -3.25 5.83 7.01
N THR B 97 -4.02 6.83 6.62
CA THR B 97 -4.51 6.91 5.26
C THR B 97 -3.49 7.44 4.27
N PHE B 98 -3.59 6.98 3.02
CA PHE B 98 -2.67 7.29 1.94
C PHE B 98 -3.29 8.29 0.97
N GLY B 99 -2.46 9.11 0.34
CA GLY B 99 -2.94 9.98 -0.73
C GLY B 99 -3.35 9.11 -1.90
N GLN B 100 -4.05 9.68 -2.88
CA GLN B 100 -4.56 8.90 -4.01
C GLN B 100 -3.47 8.33 -4.91
N GLY B 101 -2.28 8.93 -4.88
CA GLY B 101 -1.14 8.43 -5.61
C GLY B 101 -0.73 9.36 -6.71
N THR B 102 0.48 9.22 -7.21
CA THR B 102 0.95 10.02 -8.34
C THR B 102 1.82 9.18 -9.24
N LYS B 103 1.41 9.02 -10.49
CA LYS B 103 2.19 8.25 -11.45
C LYS B 103 3.35 9.11 -11.99
N VAL B 104 4.54 8.50 -12.08
CA VAL B 104 5.66 9.21 -12.69
C VAL B 104 6.19 8.53 -13.95
N GLU B 105 6.33 9.30 -15.03
CA GLU B 105 6.77 8.79 -16.32
C GLU B 105 7.79 9.71 -17.04
N ILE B 106 8.32 9.26 -18.17
CA ILE B 106 9.56 9.84 -18.67
C ILE B 106 9.50 10.48 -20.06
N LYS B 107 10.56 11.27 -20.32
CA LYS B 107 10.92 11.83 -21.63
C LYS B 107 11.10 10.85 -22.78
N ARG B 108 12.33 10.39 -22.88
CA ARG B 108 12.95 9.82 -24.05
C ARG B 108 12.53 10.28 -25.45
N THR B 109 13.45 10.06 -26.37
CA THR B 109 13.24 10.36 -27.76
C THR B 109 12.25 9.36 -28.31
N VAL B 110 11.68 9.68 -29.48
CA VAL B 110 10.73 8.76 -30.10
C VAL B 110 11.43 7.44 -30.47
N ALA B 111 10.71 6.33 -30.35
CA ALA B 111 11.27 5.02 -30.65
C ALA B 111 10.27 4.15 -31.42
N ALA B 112 10.59 3.84 -32.67
CA ALA B 112 9.71 3.02 -33.51
C ALA B 112 9.63 1.59 -32.96
N PRO B 113 8.44 0.97 -33.03
CA PRO B 113 8.33 -0.40 -32.51
C PRO B 113 8.88 -1.41 -33.49
N SER B 114 9.44 -2.49 -32.96
CA SER B 114 9.77 -3.61 -33.81
C SER B 114 8.57 -4.55 -33.81
N VAL B 115 7.97 -4.75 -34.97
CA VAL B 115 6.76 -5.55 -35.11
C VAL B 115 7.02 -7.03 -35.45
N PHE B 116 6.45 -7.93 -34.64
CA PHE B 116 6.52 -9.36 -34.91
C PHE B 116 5.13 -9.99 -34.83
N ILE B 117 4.75 -10.76 -35.84
CA ILE B 117 3.50 -11.51 -35.76
C ILE B 117 3.75 -13.00 -35.50
N PHE B 118 2.85 -13.61 -34.72
CA PHE B 118 2.94 -15.04 -34.44
C PHE B 118 1.66 -15.74 -34.84
N PRO B 119 1.79 -16.85 -35.59
CA PRO B 119 0.67 -17.70 -35.95
C PRO B 119 0.33 -18.64 -34.80
N PRO B 120 -0.91 -19.14 -34.75
CA PRO B 120 -1.30 -20.06 -33.67
C PRO B 120 -0.48 -21.33 -33.71
N SER B 121 -0.32 -21.99 -32.57
CA SER B 121 0.38 -23.26 -32.53
C SER B 121 -0.58 -24.37 -32.94
N ASP B 122 -0.10 -25.59 -33.05
CA ASP B 122 -0.92 -26.70 -33.51
C ASP B 122 -1.80 -27.23 -32.39
N GLU B 123 -1.25 -27.23 -31.18
CA GLU B 123 -1.99 -27.67 -30.00
C GLU B 123 -3.21 -26.77 -29.85
N GLN B 124 -3.03 -25.50 -30.21
CA GLN B 124 -4.11 -24.50 -30.24
C GLN B 124 -5.18 -24.89 -31.26
N LEU B 125 -4.75 -25.14 -32.49
CA LEU B 125 -5.63 -25.52 -33.60
C LEU B 125 -6.34 -26.82 -33.28
N LYS B 126 -5.59 -27.75 -32.67
CA LYS B 126 -6.14 -29.00 -32.18
C LYS B 126 -7.38 -28.73 -31.35
N SER B 127 -7.27 -27.72 -30.47
CA SER B 127 -8.31 -27.41 -29.49
C SER B 127 -9.62 -26.89 -30.09
N GLY B 128 -9.52 -26.04 -31.12
CA GLY B 128 -10.70 -25.48 -31.75
C GLY B 128 -10.74 -23.97 -31.66
N THR B 129 -9.66 -23.39 -31.15
CA THR B 129 -9.52 -21.93 -31.11
C THR B 129 -8.20 -21.55 -31.74
N ALA B 130 -8.17 -20.41 -32.42
CA ALA B 130 -6.95 -19.95 -33.05
C ALA B 130 -6.61 -18.54 -32.61
N SER B 131 -5.36 -18.35 -32.17
CA SER B 131 -4.89 -17.05 -31.68
C SER B 131 -3.63 -16.48 -32.37
N VAL B 132 -3.83 -15.51 -33.27
CA VAL B 132 -2.73 -14.78 -33.88
C VAL B 132 -2.26 -13.60 -33.02
N VAL B 133 -0.95 -13.45 -32.89
CA VAL B 133 -0.38 -12.47 -31.96
C VAL B 133 0.62 -11.48 -32.59
N CYS B 134 0.17 -10.24 -32.76
CA CYS B 134 1.06 -9.15 -33.18
C CYS B 134 1.77 -8.55 -31.95
N LEU B 135 3.10 -8.51 -31.99
CA LEU B 135 3.87 -7.85 -30.95
C LEU B 135 4.52 -6.61 -31.50
N LEU B 136 4.32 -5.49 -30.80
CA LEU B 136 5.09 -4.28 -31.02
C LEU B 136 6.09 -4.26 -29.90
N ASN B 137 7.36 -3.99 -30.19
CA ASN B 137 8.33 -4.10 -29.11
C ASN B 137 9.24 -2.89 -28.92
N ASN B 138 9.40 -2.50 -27.66
CA ASN B 138 10.30 -1.41 -27.27
C ASN B 138 10.09 -0.11 -28.05
N PHE B 139 8.84 0.36 -28.08
CA PHE B 139 8.54 1.63 -28.72
C PHE B 139 8.32 2.75 -27.72
N TYR B 140 8.33 3.96 -28.23
CA TYR B 140 8.00 5.14 -27.46
C TYR B 140 7.69 6.23 -28.46
N PRO B 141 6.63 7.01 -28.22
CA PRO B 141 5.72 7.09 -27.08
C PRO B 141 4.68 5.96 -26.97
N ARG B 142 3.87 6.03 -25.91
CA ARG B 142 2.92 4.98 -25.59
C ARG B 142 1.85 4.70 -26.68
N GLU B 143 1.45 5.75 -27.39
CA GLU B 143 0.33 5.64 -28.32
C GLU B 143 0.67 5.01 -29.67
N ALA B 144 0.06 3.85 -29.90
CA ALA B 144 0.16 3.12 -31.16
C ALA B 144 -1.24 2.70 -31.60
N LYS B 145 -1.32 2.18 -32.82
CA LYS B 145 -2.61 1.84 -33.40
C LYS B 145 -2.42 0.59 -34.22
N VAL B 146 -2.69 -0.57 -33.62
CA VAL B 146 -2.64 -1.83 -34.35
C VAL B 146 -3.91 -2.03 -35.18
N GLN B 147 -3.78 -2.78 -36.26
CA GLN B 147 -4.85 -2.99 -37.22
C GLN B 147 -4.72 -4.42 -37.67
N TRP B 148 -5.79 -5.19 -37.56
CA TRP B 148 -5.72 -6.58 -38.02
C TRP B 148 -6.45 -6.71 -39.33
N LYS B 149 -5.76 -7.31 -40.31
CA LYS B 149 -6.35 -7.53 -41.62
C LYS B 149 -6.36 -9.01 -41.96
N VAL B 150 -7.46 -9.43 -42.58
CA VAL B 150 -7.55 -10.77 -43.14
C VAL B 150 -7.86 -10.71 -44.61
N ASP B 151 -6.95 -11.25 -45.42
CA ASP B 151 -7.08 -11.19 -46.87
C ASP B 151 -7.24 -9.73 -47.27
N ASN B 152 -6.49 -8.86 -46.59
CA ASN B 152 -6.60 -7.41 -46.75
C ASN B 152 -7.98 -6.83 -46.43
N ALA B 153 -8.82 -7.62 -45.77
CA ALA B 153 -10.05 -7.08 -45.19
C ALA B 153 -9.83 -6.82 -43.72
N LEU B 154 -10.03 -5.57 -43.31
CA LEU B 154 -10.01 -5.20 -41.90
C LEU B 154 -10.83 -6.19 -41.11
N GLN B 155 -10.30 -6.64 -39.98
CA GLN B 155 -11.05 -7.48 -39.08
C GLN B 155 -11.23 -6.76 -37.74
N SER B 156 -12.42 -6.21 -37.55
CA SER B 156 -12.77 -5.56 -36.30
C SER B 156 -13.70 -6.47 -35.50
N GLY B 157 -13.38 -6.68 -34.23
CA GLY B 157 -14.28 -7.44 -33.37
C GLY B 157 -13.62 -8.39 -32.41
N ASN B 158 -12.64 -9.16 -32.88
CA ASN B 158 -12.03 -10.18 -32.03
C ASN B 158 -10.58 -9.95 -31.62
N SER B 159 -10.24 -8.73 -31.23
CA SER B 159 -8.86 -8.42 -30.80
C SER B 159 -8.74 -7.61 -29.48
N GLN B 160 -7.60 -7.76 -28.81
CA GLN B 160 -7.37 -7.15 -27.50
C GLN B 160 -5.93 -6.71 -27.24
N GLU B 161 -5.74 -5.44 -26.93
CA GLU B 161 -4.42 -4.92 -26.59
C GLU B 161 -4.05 -5.09 -25.11
N SER B 162 -2.75 -5.08 -24.86
CA SER B 162 -2.23 -5.04 -23.51
C SER B 162 -0.88 -4.38 -23.61
N VAL B 163 -0.53 -3.55 -22.64
CA VAL B 163 0.68 -2.74 -22.75
C VAL B 163 1.52 -2.91 -21.49
N THR B 164 2.85 -3.03 -21.64
CA THR B 164 3.69 -3.08 -20.45
C THR B 164 3.79 -1.70 -19.79
N GLU B 165 4.41 -1.67 -18.63
CA GLU B 165 4.63 -0.41 -17.98
C GLU B 165 5.91 0.14 -18.57
N GLN B 166 6.13 1.44 -18.42
CA GLN B 166 7.31 2.08 -18.97
C GLN B 166 8.53 1.40 -18.37
N ASP B 167 9.33 0.76 -19.23
CA ASP B 167 10.50 -0.02 -18.83
C ASP B 167 11.46 0.85 -18.04
N SER B 168 12.19 0.23 -17.11
CA SER B 168 12.98 0.96 -16.13
C SER B 168 14.43 1.19 -16.54
N LYS B 169 14.81 0.67 -17.70
CA LYS B 169 16.11 1.01 -18.24
C LYS B 169 15.92 1.83 -19.52
N ASP B 170 15.24 1.27 -20.52
CA ASP B 170 15.11 1.96 -21.79
C ASP B 170 13.98 2.99 -21.84
N SER B 171 13.14 2.98 -20.80
CA SER B 171 11.98 3.88 -20.73
C SER B 171 11.00 3.75 -21.91
N THR B 172 10.92 2.55 -22.46
CA THR B 172 10.01 2.28 -23.57
C THR B 172 8.84 1.42 -23.09
N TYR B 173 7.94 1.12 -24.02
CA TYR B 173 6.81 0.24 -23.77
C TYR B 173 6.86 -0.90 -24.75
N SER B 174 6.01 -1.89 -24.52
CA SER B 174 5.79 -2.94 -25.50
C SER B 174 4.32 -3.33 -25.40
N LEU B 175 3.73 -3.71 -26.54
CA LEU B 175 2.30 -3.86 -26.64
C LEU B 175 1.96 -5.14 -27.38
N SER B 176 0.78 -5.69 -27.12
CA SER B 176 0.38 -6.91 -27.79
C SER B 176 -1.11 -6.98 -28.15
N SER B 177 -1.40 -6.78 -29.43
CA SER B 177 -2.74 -7.03 -29.96
C SER B 177 -2.91 -8.53 -30.13
N THR B 178 -4.13 -9.04 -29.95
CA THR B 178 -4.36 -10.48 -30.08
C THR B 178 -5.68 -10.85 -30.77
N LEU B 179 -5.57 -11.55 -31.88
CA LEU B 179 -6.74 -12.00 -32.63
C LEU B 179 -7.19 -13.38 -32.16
N THR B 180 -8.50 -13.55 -32.00
CA THR B 180 -9.05 -14.83 -31.56
C THR B 180 -10.34 -15.14 -32.28
N LEU B 181 -10.30 -16.10 -33.19
CA LEU B 181 -11.52 -16.59 -33.84
C LEU B 181 -11.69 -18.08 -33.56
N SER B 182 -12.91 -18.56 -33.72
CA SER B 182 -13.15 -19.99 -33.74
C SER B 182 -12.24 -20.54 -34.81
N LYS B 183 -11.58 -21.68 -34.51
CA LYS B 183 -10.78 -22.41 -35.49
C LYS B 183 -11.46 -22.42 -36.86
N ALA B 184 -12.77 -22.59 -36.83
CA ALA B 184 -13.61 -22.54 -38.04
C ALA B 184 -13.49 -21.24 -38.82
N ASP B 185 -13.49 -20.12 -38.09
CA ASP B 185 -13.35 -18.80 -38.71
C ASP B 185 -11.92 -18.59 -39.12
N TYR B 186 -11.01 -19.30 -38.44
CA TYR B 186 -9.59 -19.19 -38.75
C TYR B 186 -9.34 -19.75 -40.14
N GLU B 187 -10.25 -20.61 -40.59
CA GLU B 187 -10.05 -21.33 -41.85
C GLU B 187 -10.87 -20.84 -43.04
N LYS B 188 -11.75 -19.85 -42.80
CA LYS B 188 -12.44 -19.17 -43.90
C LYS B 188 -11.52 -18.14 -44.55
N HIS B 189 -10.27 -18.13 -44.10
CA HIS B 189 -9.31 -17.10 -44.43
C HIS B 189 -7.92 -17.71 -44.70
N LYS B 190 -7.16 -17.14 -45.63
CA LYS B 190 -5.78 -17.61 -45.84
C LYS B 190 -4.69 -16.68 -45.31
N VAL B 191 -4.68 -15.43 -45.75
CA VAL B 191 -3.62 -14.50 -45.37
C VAL B 191 -3.99 -13.65 -44.16
N TYR B 192 -3.10 -13.67 -43.17
CA TYR B 192 -3.29 -12.97 -41.91
C TYR B 192 -2.21 -11.92 -41.69
N ALA B 193 -2.62 -10.67 -41.61
CA ALA B 193 -1.66 -9.59 -41.47
C ALA B 193 -2.06 -8.67 -40.34
N CYS B 194 -1.07 -8.10 -39.67
CA CYS B 194 -1.34 -7.04 -38.71
C CYS B 194 -0.59 -5.76 -39.08
N GLU B 195 -1.35 -4.70 -39.33
CA GLU B 195 -0.77 -3.42 -39.71
C GLU B 195 -0.56 -2.59 -38.44
N VAL B 196 0.47 -1.76 -38.43
CA VAL B 196 0.82 -1.01 -37.24
C VAL B 196 1.30 0.40 -37.56
N THR B 197 0.54 1.39 -37.12
CA THR B 197 0.94 2.80 -37.25
C THR B 197 1.47 3.32 -35.93
N HIS B 198 2.71 3.81 -35.93
CA HIS B 198 3.27 4.48 -34.76
C HIS B 198 3.89 5.81 -35.20
N GLN B 199 4.21 6.66 -34.24
CA GLN B 199 4.79 7.95 -34.57
C GLN B 199 6.23 7.81 -35.04
N GLY B 200 6.92 6.81 -34.50
CA GLY B 200 8.29 6.54 -34.92
C GLY B 200 8.34 5.84 -36.26
N LEU B 201 7.16 5.62 -36.85
CA LEU B 201 7.05 5.02 -38.17
C LEU B 201 6.65 6.08 -39.17
N SER B 202 7.42 6.18 -40.25
CA SER B 202 7.11 7.06 -41.36
C SER B 202 5.79 6.63 -42.00
N SER B 203 5.60 5.32 -42.10
CA SER B 203 4.39 4.77 -42.71
C SER B 203 4.06 3.44 -42.04
N PRO B 204 2.75 3.11 -41.97
CA PRO B 204 2.28 1.89 -41.34
C PRO B 204 3.05 0.66 -41.81
N VAL B 205 3.32 -0.24 -40.88
CA VAL B 205 4.05 -1.47 -41.15
C VAL B 205 3.14 -2.67 -40.95
N THR B 206 3.05 -3.53 -41.96
CA THR B 206 2.29 -4.76 -41.86
C THR B 206 3.25 -5.92 -41.63
N LYS B 207 2.78 -6.95 -40.94
CA LYS B 207 3.50 -8.21 -40.88
C LYS B 207 2.51 -9.32 -41.17
N SER B 208 2.48 -9.79 -42.41
CA SER B 208 1.54 -10.84 -42.79
C SER B 208 2.12 -12.24 -42.57
N PHE B 209 1.28 -13.26 -42.75
CA PHE B 209 1.74 -14.65 -42.90
C PHE B 209 0.66 -15.52 -43.52
N ASN B 210 1.04 -16.42 -44.42
CA ASN B 210 0.08 -17.33 -45.04
C ASN B 210 -0.19 -18.55 -44.16
N ARG B 211 -1.46 -18.84 -43.91
CA ARG B 211 -1.85 -19.96 -43.06
C ARG B 211 -1.40 -21.32 -43.61
N GLY B 212 -0.34 -21.87 -43.03
CA GLY B 212 0.26 -23.10 -43.54
C GLY B 212 1.63 -22.91 -44.15
N GLU B 213 2.54 -22.28 -43.40
CA GLU B 213 3.94 -22.16 -43.78
C GLU B 213 4.83 -22.93 -42.80
N GLU C 1 17.91 -11.40 5.73
CA GLU C 1 17.49 -10.09 6.20
C GLU C 1 15.97 -10.05 6.40
N VAL C 2 15.41 -8.85 6.54
CA VAL C 2 13.99 -8.71 6.79
C VAL C 2 13.18 -9.35 5.65
N GLN C 3 12.29 -10.27 6.01
CA GLN C 3 11.42 -10.90 5.04
C GLN C 3 10.02 -11.01 5.62
N LEU C 4 9.03 -10.67 4.81
CA LEU C 4 7.64 -10.80 5.20
C LEU C 4 6.92 -11.66 4.19
N VAL C 5 6.80 -12.94 4.49
CA VAL C 5 6.24 -13.85 3.50
C VAL C 5 4.74 -14.05 3.70
N GLU C 6 3.95 -13.52 2.77
CA GLU C 6 2.52 -13.72 2.79
C GLU C 6 2.07 -15.05 2.21
N SER C 7 0.90 -15.48 2.70
CA SER C 7 0.23 -16.67 2.22
C SER C 7 -1.23 -16.60 2.69
N GLY C 8 -2.08 -17.39 2.08
CA GLY C 8 -3.46 -17.49 2.50
C GLY C 8 -4.46 -17.01 1.46
N GLY C 9 -3.98 -16.28 0.45
CA GLY C 9 -4.82 -15.70 -0.59
C GLY C 9 -5.56 -16.74 -1.42
N GLY C 10 -6.32 -16.29 -2.41
CA GLY C 10 -6.97 -17.22 -3.31
C GLY C 10 -8.37 -16.80 -3.71
N LEU C 11 -9.07 -17.69 -4.40
CA LEU C 11 -10.46 -17.46 -4.75
C LEU C 11 -11.35 -17.76 -3.53
N VAL C 12 -12.46 -17.04 -3.42
CA VAL C 12 -13.42 -17.29 -2.36
C VAL C 12 -14.86 -16.83 -2.72
N GLN C 13 -15.84 -17.71 -2.47
CA GLN C 13 -17.26 -17.41 -2.63
C GLN C 13 -17.59 -16.21 -1.76
N PRO C 14 -18.39 -15.27 -2.28
CA PRO C 14 -18.78 -14.13 -1.46
C PRO C 14 -19.60 -14.60 -0.26
N GLY C 15 -19.34 -14.00 0.91
CA GLY C 15 -20.03 -14.40 2.11
C GLY C 15 -19.21 -15.33 2.95
N ARG C 16 -18.33 -16.09 2.30
CA ARG C 16 -17.42 -16.99 3.03
C ARG C 16 -16.29 -16.21 3.64
N SER C 17 -15.13 -16.85 3.79
CA SER C 17 -14.09 -16.24 4.61
C SER C 17 -12.68 -16.76 4.32
N LEU C 18 -11.69 -16.04 4.81
CA LEU C 18 -10.27 -16.36 4.56
C LEU C 18 -9.34 -15.96 5.70
N ARG C 19 -8.32 -16.77 5.93
CA ARG C 19 -7.27 -16.39 6.89
C ARG C 19 -5.89 -16.17 6.27
N LEU C 20 -5.57 -14.91 6.00
CA LEU C 20 -4.27 -14.54 5.48
C LEU C 20 -3.17 -14.72 6.54
N SER C 21 -1.97 -15.05 6.06
CA SER C 21 -0.83 -15.18 6.94
C SER C 21 0.38 -14.42 6.41
N CYS C 22 1.25 -14.05 7.34
CA CYS C 22 2.43 -13.26 7.07
C CYS C 22 3.47 -13.78 8.03
N ALA C 23 4.52 -14.42 7.52
CA ALA C 23 5.58 -14.98 8.34
C ALA C 23 6.77 -14.07 8.31
N ALA C 24 7.18 -13.59 9.48
CA ALA C 24 8.30 -12.65 9.56
C ALA C 24 9.61 -13.33 9.89
N SER C 25 10.70 -12.71 9.47
CA SER C 25 12.02 -13.25 9.75
C SER C 25 13.04 -12.13 9.52
N GLY C 26 14.17 -12.19 10.22
CA GLY C 26 15.24 -11.22 10.03
C GLY C 26 15.22 -10.00 10.92
N PHE C 27 14.36 -10.02 11.94
CA PHE C 27 14.22 -8.90 12.87
C PHE C 27 13.43 -9.40 14.07
N THR C 28 13.67 -8.85 15.27
CA THR C 28 12.92 -9.36 16.42
C THR C 28 11.48 -8.90 16.31
N PHE C 29 10.67 -9.83 15.81
CA PHE C 29 9.29 -9.60 15.47
C PHE C 29 8.51 -9.05 16.66
N ASP C 30 8.85 -9.53 17.85
CA ASP C 30 8.22 -9.13 19.11
C ASP C 30 8.30 -7.62 19.43
N ASP C 31 9.13 -6.86 18.73
CA ASP C 31 9.37 -5.46 19.09
C ASP C 31 8.68 -4.43 18.20
N TYR C 32 7.81 -4.92 17.32
CA TYR C 32 7.22 -4.06 16.31
C TYR C 32 5.73 -4.25 16.19
N ALA C 33 5.03 -3.14 15.99
CA ALA C 33 3.64 -3.21 15.55
C ALA C 33 3.62 -3.61 14.07
N MET C 34 2.52 -4.21 13.62
CA MET C 34 2.39 -4.57 12.23
C MET C 34 1.15 -3.94 11.62
N HIS C 35 1.09 -3.91 10.29
CA HIS C 35 -0.05 -3.34 9.59
C HIS C 35 -0.52 -4.27 8.49
N TRP C 36 -1.81 -4.22 8.16
CA TRP C 36 -2.25 -4.76 6.89
C TRP C 36 -2.69 -3.60 6.02
N VAL C 37 -2.23 -3.62 4.77
CA VAL C 37 -2.61 -2.64 3.76
C VAL C 37 -3.02 -3.34 2.46
N ARG C 38 -4.24 -3.10 1.99
CA ARG C 38 -4.66 -3.74 0.74
C ARG C 38 -4.53 -2.83 -0.47
N GLN C 39 -4.55 -3.44 -1.65
CA GLN C 39 -4.58 -2.66 -2.88
C GLN C 39 -5.44 -3.32 -3.95
N ALA C 40 -6.66 -2.81 -4.13
CA ALA C 40 -7.55 -3.33 -5.16
C ALA C 40 -6.92 -3.05 -6.52
N PRO C 41 -7.09 -3.98 -7.47
CA PRO C 41 -6.50 -3.94 -8.81
C PRO C 41 -6.74 -2.63 -9.54
N GLY C 42 -5.66 -1.92 -9.89
CA GLY C 42 -5.78 -0.65 -10.59
C GLY C 42 -6.07 0.54 -9.68
N LYS C 43 -6.69 0.25 -8.53
CA LYS C 43 -6.98 1.25 -7.51
C LYS C 43 -5.69 1.50 -6.68
N GLY C 44 -5.69 2.51 -5.83
CA GLY C 44 -4.51 2.82 -5.04
C GLY C 44 -4.46 2.13 -3.68
N LEU C 45 -3.55 2.59 -2.81
CA LEU C 45 -3.33 1.94 -1.53
C LEU C 45 -4.33 2.39 -0.49
N GLU C 46 -4.69 1.48 0.41
CA GLU C 46 -5.74 1.72 1.39
C GLU C 46 -5.41 0.97 2.67
N TRP C 47 -5.11 1.70 3.74
CA TRP C 47 -4.85 1.08 5.04
C TRP C 47 -6.02 0.21 5.53
N VAL C 48 -5.72 -0.94 6.14
CA VAL C 48 -6.76 -1.88 6.56
C VAL C 48 -6.86 -2.07 8.07
N SER C 49 -5.76 -2.46 8.71
CA SER C 49 -5.70 -2.46 10.17
C SER C 49 -4.28 -2.46 10.72
N ALA C 50 -4.16 -2.46 12.04
CA ALA C 50 -2.86 -2.46 12.70
C ALA C 50 -2.93 -3.15 14.05
N ILE C 51 -1.78 -3.61 14.55
CA ILE C 51 -1.73 -4.25 15.86
C ILE C 51 -0.40 -3.99 16.59
N THR C 52 -0.46 -3.59 17.84
CA THR C 52 0.77 -3.25 18.56
C THR C 52 1.62 -4.51 18.86
N TRP C 53 2.82 -4.31 19.40
CA TRP C 53 3.75 -5.41 19.62
C TRP C 53 3.18 -6.50 20.51
N ASN C 54 2.42 -6.13 21.52
CA ASN C 54 1.93 -7.09 22.50
C ASN C 54 0.44 -7.33 22.31
N SER C 55 -0.09 -6.86 21.19
CA SER C 55 -1.48 -7.09 20.80
C SER C 55 -2.49 -6.35 21.65
N GLY C 56 -2.03 -5.34 22.38
CA GLY C 56 -2.87 -4.70 23.38
C GLY C 56 -3.81 -3.66 22.82
N HIS C 57 -3.52 -3.22 21.60
CA HIS C 57 -4.34 -2.23 20.94
C HIS C 57 -4.46 -2.62 19.49
N ILE C 58 -5.64 -2.37 18.93
CA ILE C 58 -5.95 -2.74 17.58
C ILE C 58 -6.81 -1.66 16.93
N ASP C 59 -6.46 -1.28 15.70
CA ASP C 59 -7.23 -0.31 14.90
C ASP C 59 -7.67 -1.00 13.61
N TYR C 60 -8.88 -0.69 13.14
CA TYR C 60 -9.35 -1.08 11.79
C TYR C 60 -9.84 0.13 11.02
N ALA C 61 -10.30 -0.07 9.78
CA ALA C 61 -10.67 1.04 8.89
C ALA C 61 -12.14 1.46 8.94
N ASP C 62 -12.40 2.79 8.95
CA ASP C 62 -13.73 3.40 8.64
C ASP C 62 -14.23 2.60 7.37
N SER C 63 -14.44 1.28 7.49
CA SER C 63 -14.69 0.39 6.33
C SER C 63 -14.76 -1.12 6.64
N VAL C 64 -14.40 -1.49 7.87
CA VAL C 64 -14.46 -2.90 8.26
C VAL C 64 -14.92 -3.14 9.71
N GLU C 65 -14.02 -2.82 10.64
CA GLU C 65 -14.16 -3.20 12.05
C GLU C 65 -14.82 -4.60 12.26
N GLY C 66 -16.07 -4.75 11.83
CA GLY C 66 -16.83 -5.92 12.21
C GLY C 66 -16.49 -7.21 11.49
N ARG C 67 -15.83 -7.08 10.36
CA ARG C 67 -15.61 -8.23 9.49
C ARG C 67 -14.22 -8.84 9.61
N PHE C 68 -13.20 -8.02 9.82
CA PHE C 68 -11.83 -8.53 9.82
C PHE C 68 -11.25 -8.56 11.22
N THR C 69 -10.28 -9.43 11.45
CA THR C 69 -9.70 -9.59 12.77
C THR C 69 -8.20 -9.85 12.71
N ILE C 70 -7.44 -8.78 12.86
CA ILE C 70 -5.98 -8.84 12.91
C ILE C 70 -5.56 -9.49 14.23
N SER C 71 -4.54 -10.35 14.16
CA SER C 71 -4.04 -11.14 15.29
C SER C 71 -2.58 -11.44 15.00
N ARG C 72 -1.90 -12.08 15.95
CA ARG C 72 -0.44 -12.09 16.00
C ARG C 72 0.13 -13.17 16.95
N ASP C 73 0.83 -14.18 16.41
CA ASP C 73 1.52 -15.13 17.27
C ASP C 73 3.03 -14.80 17.33
N ASN C 74 3.53 -14.38 18.50
CA ASN C 74 4.91 -13.93 18.59
C ASN C 74 5.94 -15.06 18.68
N ALA C 75 5.49 -16.21 19.19
CA ALA C 75 6.31 -17.41 19.21
C ALA C 75 6.60 -17.89 17.80
N LYS C 76 5.57 -17.87 16.96
CA LYS C 76 5.67 -18.26 15.56
C LYS C 76 6.11 -17.10 14.64
N ASN C 77 6.40 -15.95 15.24
CA ASN C 77 6.67 -14.72 14.48
C ASN C 77 5.74 -14.54 13.27
N SER C 78 4.43 -14.53 13.53
CA SER C 78 3.42 -14.45 12.47
C SER C 78 2.31 -13.41 12.70
N LEU C 79 1.86 -12.80 11.61
CA LEU C 79 0.73 -11.89 11.63
C LEU C 79 -0.43 -12.48 10.85
N TYR C 80 -1.63 -12.35 11.41
CA TYR C 80 -2.79 -12.95 10.79
C TYR C 80 -3.82 -11.91 10.48
N LEU C 81 -4.62 -12.17 9.44
CA LEU C 81 -5.83 -11.42 9.19
C LEU C 81 -6.96 -12.39 8.84
N ASP C 82 -7.93 -12.53 9.73
CA ASP C 82 -9.10 -13.34 9.42
C ASP C 82 -10.18 -12.43 8.86
N MET C 83 -10.57 -12.69 7.62
CA MET C 83 -11.58 -11.88 6.99
C MET C 83 -12.87 -12.67 6.96
N ASN C 84 -13.99 -12.00 7.20
CA ASN C 84 -15.30 -12.66 7.24
C ASN C 84 -16.30 -11.93 6.37
N SER C 85 -17.35 -12.62 5.97
CA SER C 85 -18.39 -12.02 5.14
C SER C 85 -17.80 -11.17 4.02
N LEU C 86 -17.08 -11.81 3.11
CA LEU C 86 -16.35 -11.11 2.06
C LEU C 86 -17.20 -10.70 0.87
N ARG C 87 -16.97 -9.48 0.36
CA ARG C 87 -17.62 -8.98 -0.85
C ARG C 87 -16.55 -8.51 -1.84
N ALA C 88 -16.96 -8.15 -3.06
CA ALA C 88 -16.00 -7.84 -4.13
C ALA C 88 -15.08 -6.65 -3.82
N GLU C 89 -15.47 -5.86 -2.84
CA GLU C 89 -14.74 -4.64 -2.49
C GLU C 89 -13.55 -5.02 -1.67
N ASP C 90 -13.56 -6.23 -1.14
CA ASP C 90 -12.42 -6.75 -0.39
C ASP C 90 -11.43 -7.42 -1.34
N THR C 91 -11.84 -7.66 -2.59
CA THR C 91 -10.92 -8.20 -3.60
C THR C 91 -9.75 -7.26 -3.84
N ALA C 92 -8.54 -7.70 -3.50
CA ALA C 92 -7.37 -6.83 -3.50
C ALA C 92 -6.11 -7.64 -3.17
N VAL C 93 -4.94 -7.07 -3.44
CA VAL C 93 -3.70 -7.66 -2.99
C VAL C 93 -3.49 -7.12 -1.61
N TYR C 94 -3.23 -8.02 -0.66
CA TYR C 94 -3.04 -7.62 0.74
C TYR C 94 -1.58 -7.66 1.15
N TYR C 95 -1.06 -6.54 1.67
CA TYR C 95 0.32 -6.48 2.14
C TYR C 95 0.41 -6.44 3.64
N CYS C 96 1.37 -7.16 4.20
CA CYS C 96 1.76 -6.92 5.57
C CYS C 96 2.97 -5.99 5.56
N ALA C 97 3.02 -5.13 6.56
CA ALA C 97 4.10 -4.18 6.69
C ALA C 97 4.65 -4.15 8.11
N LYS C 98 5.96 -4.16 8.21
CA LYS C 98 6.61 -3.95 9.49
C LYS C 98 6.76 -2.45 9.69
N VAL C 99 6.42 -1.99 10.88
CA VAL C 99 6.54 -0.58 11.24
C VAL C 99 8.01 -0.19 11.36
N SER C 100 8.30 1.11 11.39
CA SER C 100 9.68 1.58 11.46
C SER C 100 10.27 1.59 12.89
N TYR C 101 9.44 1.99 13.86
CA TYR C 101 9.85 2.15 15.26
C TYR C 101 8.73 1.85 16.24
N LEU C 102 8.66 0.61 16.74
CA LEU C 102 7.71 0.23 17.80
C LEU C 102 6.20 0.44 17.55
N SER C 103 5.74 1.68 17.75
CA SER C 103 4.32 2.01 17.83
C SER C 103 3.59 1.76 16.53
N THR C 104 2.27 1.56 16.60
CA THR C 104 1.45 1.46 15.38
C THR C 104 1.53 2.74 14.54
N ALA C 105 1.64 3.87 15.21
CA ALA C 105 1.79 5.17 14.58
C ALA C 105 3.26 5.44 14.22
N SER C 106 3.73 4.69 13.24
CA SER C 106 5.09 4.79 12.73
C SER C 106 5.08 4.39 11.25
N SER C 107 6.11 4.77 10.50
CA SER C 107 6.12 4.52 9.06
C SER C 107 6.23 3.04 8.73
N LEU C 108 5.62 2.62 7.62
CA LEU C 108 5.69 1.22 7.20
C LEU C 108 7.03 0.96 6.51
N ASP C 109 7.97 0.43 7.27
CA ASP C 109 9.35 0.42 6.84
C ASP C 109 9.69 -0.74 5.92
N TYR C 110 8.95 -1.84 6.02
CA TYR C 110 9.12 -2.97 5.11
C TYR C 110 7.82 -3.74 4.86
N TRP C 111 7.59 -4.08 3.59
CA TRP C 111 6.34 -4.69 3.16
C TRP C 111 6.60 -6.09 2.66
N GLY C 112 5.61 -6.97 2.77
CA GLY C 112 5.67 -8.27 2.13
C GLY C 112 5.45 -8.10 0.64
N GLN C 113 5.40 -9.19 -0.11
CA GLN C 113 5.23 -9.08 -1.57
C GLN C 113 3.78 -9.02 -1.99
N GLY C 114 2.89 -9.20 -1.01
CA GLY C 114 1.47 -9.19 -1.26
C GLY C 114 0.95 -10.59 -1.41
N THR C 115 -0.37 -10.72 -1.40
CA THR C 115 -1.05 -11.98 -1.67
C THR C 115 -2.43 -11.59 -2.16
N LEU C 116 -2.78 -12.03 -3.37
CA LEU C 116 -4.06 -11.60 -3.92
C LEU C 116 -5.23 -12.44 -3.40
N VAL C 117 -6.34 -11.77 -3.17
CA VAL C 117 -7.56 -12.38 -2.69
C VAL C 117 -8.66 -12.00 -3.66
N THR C 118 -9.18 -13.00 -4.38
CA THR C 118 -10.23 -12.78 -5.39
C THR C 118 -11.61 -13.28 -4.93
N VAL C 119 -12.53 -12.35 -4.68
CA VAL C 119 -13.88 -12.71 -4.24
C VAL C 119 -14.80 -12.88 -5.42
N SER C 120 -15.22 -14.11 -5.66
CA SER C 120 -15.97 -14.44 -6.86
C SER C 120 -16.64 -15.79 -6.71
N SER C 121 -17.83 -15.93 -7.29
CA SER C 121 -18.51 -17.21 -7.24
C SER C 121 -18.14 -18.04 -8.47
N ALA C 122 -17.08 -17.64 -9.18
CA ALA C 122 -16.57 -18.40 -10.30
C ALA C 122 -15.89 -19.69 -9.84
N SER C 123 -14.80 -20.08 -10.49
CA SER C 123 -14.03 -21.28 -10.11
C SER C 123 -12.69 -21.33 -10.84
N THR C 124 -11.69 -21.91 -10.20
CA THR C 124 -10.34 -21.84 -10.75
C THR C 124 -10.22 -22.62 -12.04
N LYS C 125 -9.43 -22.10 -12.97
CA LYS C 125 -9.11 -22.82 -14.18
C LYS C 125 -7.61 -22.70 -14.40
N GLY C 126 -6.97 -23.84 -14.59
CA GLY C 126 -5.57 -23.87 -14.92
C GLY C 126 -5.43 -23.33 -16.32
N PRO C 127 -4.27 -22.75 -16.63
CA PRO C 127 -4.09 -22.17 -17.96
C PRO C 127 -3.58 -23.15 -19.04
N SER C 128 -3.97 -22.89 -20.28
CA SER C 128 -3.43 -23.60 -21.44
C SER C 128 -2.24 -22.82 -21.94
N VAL C 129 -1.07 -23.44 -21.92
CA VAL C 129 0.17 -22.79 -22.32
C VAL C 129 0.54 -23.17 -23.75
N PHE C 130 0.74 -22.15 -24.58
CA PHE C 130 1.11 -22.36 -25.98
C PHE C 130 2.39 -21.61 -26.33
N PRO C 131 3.08 -22.03 -27.40
CA PRO C 131 4.32 -21.32 -27.72
C PRO C 131 4.06 -20.20 -28.72
N LEU C 132 4.67 -19.04 -28.48
CA LEU C 132 4.81 -18.03 -29.51
C LEU C 132 6.19 -18.25 -30.08
N ALA C 133 6.24 -19.01 -31.18
CA ALA C 133 7.50 -19.36 -31.81
C ALA C 133 7.84 -18.34 -32.90
N PRO C 134 9.14 -18.02 -33.04
CA PRO C 134 9.62 -17.01 -33.99
C PRO C 134 9.20 -17.25 -35.45
N SER C 135 9.28 -16.21 -36.28
CA SER C 135 9.02 -16.35 -37.70
C SER C 135 10.09 -17.19 -38.40
N SER C 136 9.77 -17.63 -39.63
CA SER C 136 10.63 -18.49 -40.45
C SER C 136 12.12 -18.53 -40.10
N GLY C 142 18.23 -8.89 -38.04
CA GLY C 142 19.18 -8.70 -36.97
C GLY C 142 18.77 -9.38 -35.67
N THR C 143 17.65 -8.94 -35.11
CA THR C 143 17.12 -9.46 -33.85
C THR C 143 15.74 -10.12 -34.03
N ALA C 144 15.49 -11.24 -33.32
CA ALA C 144 14.20 -11.93 -33.43
C ALA C 144 13.56 -12.29 -32.07
N ALA C 145 12.27 -12.67 -32.11
CA ALA C 145 11.40 -12.69 -30.92
C ALA C 145 10.60 -13.97 -30.74
N LEU C 146 10.43 -14.41 -29.48
CA LEU C 146 9.65 -15.60 -29.16
C LEU C 146 9.03 -15.48 -27.77
N GLY C 147 8.02 -16.28 -27.46
CA GLY C 147 7.41 -16.21 -26.15
C GLY C 147 6.34 -17.23 -25.80
N CYS C 148 5.87 -17.20 -24.56
CA CYS C 148 4.78 -18.08 -24.13
C CYS C 148 3.43 -17.39 -24.13
N LEU C 149 2.45 -17.94 -24.84
CA LEU C 149 1.08 -17.50 -24.69
C LEU C 149 0.38 -18.33 -23.60
N VAL C 150 0.02 -17.67 -22.51
CA VAL C 150 -0.66 -18.32 -21.39
C VAL C 150 -2.16 -18.04 -21.49
N LYS C 151 -2.98 -19.07 -21.67
CA LYS C 151 -4.39 -18.82 -22.02
C LYS C 151 -5.44 -19.47 -21.10
N ASP C 152 -6.60 -18.80 -20.95
CA ASP C 152 -7.80 -19.35 -20.32
C ASP C 152 -7.59 -19.75 -18.86
N TYR C 153 -7.28 -18.77 -18.01
CA TYR C 153 -7.07 -19.05 -16.60
C TYR C 153 -7.91 -18.16 -15.69
N PHE C 154 -8.13 -18.64 -14.47
CA PHE C 154 -8.82 -17.88 -13.44
C PHE C 154 -8.50 -18.57 -12.13
N PRO C 155 -8.23 -17.78 -11.09
CA PRO C 155 -8.15 -16.32 -11.11
C PRO C 155 -6.69 -15.90 -11.25
N GLU C 156 -6.39 -14.62 -11.07
CA GLU C 156 -5.01 -14.17 -11.06
C GLU C 156 -4.30 -14.55 -9.74
N PRO C 157 -2.97 -14.69 -9.76
CA PRO C 157 -2.03 -14.45 -10.85
C PRO C 157 -1.46 -15.71 -11.44
N VAL C 158 -0.87 -15.59 -12.62
CA VAL C 158 0.13 -16.57 -13.04
C VAL C 158 1.44 -15.84 -12.99
N THR C 159 2.53 -16.59 -12.97
CA THR C 159 3.85 -15.99 -12.97
C THR C 159 4.66 -16.72 -14.02
N VAL C 160 5.30 -15.96 -14.90
CA VAL C 160 6.12 -16.57 -15.92
C VAL C 160 7.59 -16.26 -15.66
N SER C 161 8.39 -17.32 -15.66
CA SER C 161 9.84 -17.19 -15.61
C SER C 161 10.40 -17.85 -16.86
N TRP C 162 11.63 -17.51 -17.18
CA TRP C 162 12.28 -18.06 -18.36
C TRP C 162 13.54 -18.83 -18.00
N ASN C 163 13.60 -20.09 -18.42
CA ASN C 163 14.69 -20.97 -18.06
C ASN C 163 14.97 -20.92 -16.57
N SER C 164 13.88 -20.81 -15.79
CA SER C 164 13.95 -20.86 -14.34
C SER C 164 14.79 -19.73 -13.74
N GLY C 165 14.82 -18.60 -14.42
CA GLY C 165 15.56 -17.46 -13.91
C GLY C 165 16.74 -17.15 -14.81
N ALA C 166 17.32 -18.21 -15.39
CA ALA C 166 18.49 -18.06 -16.26
C ALA C 166 18.28 -17.17 -17.51
N LEU C 167 17.20 -16.38 -17.51
CA LEU C 167 16.90 -15.48 -18.60
C LEU C 167 15.93 -14.40 -18.12
N THR C 168 16.43 -13.18 -18.01
CA THR C 168 15.68 -12.07 -17.42
C THR C 168 15.62 -10.85 -18.36
N SER C 169 16.62 -10.71 -19.21
CA SER C 169 16.72 -9.60 -20.14
C SER C 169 15.86 -9.80 -21.39
N GLY C 170 15.27 -8.72 -21.87
CA GLY C 170 14.48 -8.75 -23.09
C GLY C 170 13.13 -9.39 -22.88
N VAL C 171 12.89 -9.78 -21.63
CA VAL C 171 11.63 -10.42 -21.25
C VAL C 171 10.57 -9.37 -20.93
N HIS C 172 9.37 -9.59 -21.46
CA HIS C 172 8.25 -8.70 -21.27
C HIS C 172 7.00 -9.52 -20.93
N THR C 173 6.73 -9.76 -19.66
CA THR C 173 5.46 -10.37 -19.32
C THR C 173 4.39 -9.29 -19.26
N PHE C 174 3.33 -9.46 -20.04
CA PHE C 174 2.32 -8.41 -20.21
C PHE C 174 1.24 -8.46 -19.14
N PRO C 175 0.57 -7.32 -18.91
CA PRO C 175 -0.56 -7.34 -17.99
C PRO C 175 -1.61 -8.35 -18.44
N ALA C 176 -2.34 -8.94 -17.51
CA ALA C 176 -3.39 -9.88 -17.90
C ALA C 176 -4.60 -9.18 -18.47
N VAL C 177 -5.27 -9.89 -19.37
CA VAL C 177 -6.43 -9.36 -20.05
C VAL C 177 -7.58 -10.25 -19.69
N LEU C 178 -8.69 -9.64 -19.30
CA LEU C 178 -9.89 -10.38 -19.03
C LEU C 178 -10.69 -10.51 -20.33
N GLN C 179 -10.89 -11.75 -20.77
CA GLN C 179 -11.61 -12.02 -22.00
C GLN C 179 -13.12 -12.01 -21.78
N SER C 180 -13.84 -11.93 -22.90
CA SER C 180 -15.30 -12.04 -22.90
C SER C 180 -15.75 -13.39 -22.29
N SER C 181 -14.83 -14.33 -22.16
CA SER C 181 -15.13 -15.61 -21.51
C SER C 181 -15.17 -15.45 -20.00
N GLY C 182 -14.61 -14.34 -19.51
CA GLY C 182 -14.50 -14.12 -18.08
C GLY C 182 -13.21 -14.73 -17.56
N LEU C 183 -12.41 -15.25 -18.47
CA LEU C 183 -11.11 -15.87 -18.18
C LEU C 183 -9.98 -14.91 -18.55
N TYR C 184 -8.80 -15.16 -18.00
CA TYR C 184 -7.63 -14.34 -18.32
C TYR C 184 -6.73 -14.98 -19.36
N SER C 185 -5.91 -14.13 -19.98
CA SER C 185 -4.81 -14.60 -20.82
C SER C 185 -3.63 -13.63 -20.76
N LEU C 186 -2.44 -14.22 -20.84
CA LEU C 186 -1.17 -13.52 -20.75
C LEU C 186 -0.32 -13.87 -21.94
N SER C 187 0.78 -13.15 -22.06
CA SER C 187 1.93 -13.70 -22.75
C SER C 187 3.16 -12.95 -22.30
N SER C 188 4.27 -13.65 -22.15
CA SER C 188 5.54 -12.97 -21.96
C SER C 188 6.30 -13.23 -23.23
N VAL C 189 7.19 -12.30 -23.59
CA VAL C 189 8.00 -12.44 -24.79
C VAL C 189 9.47 -12.12 -24.50
N VAL C 190 10.37 -12.71 -25.27
CA VAL C 190 11.79 -12.43 -25.13
C VAL C 190 12.38 -12.13 -26.50
N THR C 191 13.27 -11.14 -26.54
CA THR C 191 14.05 -10.90 -27.74
C THR C 191 15.46 -11.49 -27.60
N VAL C 192 15.86 -12.28 -28.58
CA VAL C 192 17.08 -13.07 -28.48
C VAL C 192 17.85 -12.96 -29.79
N PRO C 193 19.19 -13.18 -29.73
CA PRO C 193 20.03 -13.14 -30.93
C PRO C 193 19.57 -14.09 -32.03
N SER C 194 19.44 -13.55 -33.24
CA SER C 194 18.98 -14.32 -34.41
C SER C 194 19.83 -15.57 -34.65
N SER C 195 20.90 -15.70 -33.87
CA SER C 195 21.87 -16.78 -34.01
C SER C 195 21.68 -17.82 -32.93
N SER C 196 21.81 -17.42 -31.67
CA SER C 196 21.86 -18.35 -30.54
C SER C 196 20.61 -19.23 -30.40
N LEU C 197 20.15 -19.80 -31.51
CA LEU C 197 18.90 -20.56 -31.56
C LEU C 197 19.11 -22.04 -31.92
N GLY C 198 19.96 -22.32 -32.90
CA GLY C 198 20.37 -23.69 -33.16
C GLY C 198 21.12 -24.20 -31.94
N THR C 199 21.81 -23.27 -31.28
CA THR C 199 22.63 -23.57 -30.10
C THR C 199 21.85 -23.61 -28.77
N GLN C 200 20.63 -23.03 -28.76
CA GLN C 200 19.82 -22.91 -27.53
C GLN C 200 18.31 -22.96 -27.78
N THR C 201 17.59 -23.64 -26.90
CA THR C 201 16.13 -23.79 -26.98
C THR C 201 15.44 -23.29 -25.69
N TYR C 202 14.38 -22.50 -25.84
CA TYR C 202 13.90 -21.69 -24.69
C TYR C 202 12.71 -22.24 -23.90
N ILE C 203 12.78 -22.09 -22.58
CA ILE C 203 11.74 -22.63 -21.70
C ILE C 203 11.11 -21.58 -20.78
N CYS C 204 9.78 -21.54 -20.78
CA CYS C 204 8.99 -20.55 -20.06
C CYS C 204 8.25 -21.15 -18.89
N ASN C 205 8.77 -20.93 -17.70
CA ASN C 205 8.26 -21.61 -16.52
C ASN C 205 7.13 -20.89 -15.81
N VAL C 206 5.93 -21.45 -15.99
CA VAL C 206 4.69 -20.83 -15.59
C VAL C 206 4.08 -21.42 -14.32
N ASN C 207 3.75 -20.56 -13.35
CA ASN C 207 3.07 -21.02 -12.14
C ASN C 207 1.70 -20.41 -11.91
N HIS C 208 0.70 -21.28 -11.82
CA HIS C 208 -0.61 -20.88 -11.37
C HIS C 208 -0.89 -21.56 -10.06
N LYS C 209 -0.66 -20.88 -8.95
CA LYS C 209 -0.87 -21.49 -7.65
C LYS C 209 -2.33 -21.73 -7.28
N PRO C 210 -3.26 -20.85 -7.74
CA PRO C 210 -4.66 -21.18 -7.45
C PRO C 210 -5.12 -22.53 -7.99
N SER C 211 -4.80 -22.83 -9.23
CA SER C 211 -5.20 -24.09 -9.82
C SER C 211 -4.22 -25.20 -9.48
N ASN C 212 -3.18 -24.83 -8.73
CA ASN C 212 -2.04 -25.72 -8.39
C ASN C 212 -1.38 -26.43 -9.58
N THR C 213 -1.11 -25.69 -10.65
CA THR C 213 -0.47 -26.25 -11.85
C THR C 213 0.82 -25.54 -12.27
N LYS C 214 1.89 -26.30 -12.47
CA LYS C 214 3.09 -25.79 -13.12
C LYS C 214 3.21 -26.37 -14.53
N VAL C 215 3.70 -25.57 -15.46
CA VAL C 215 3.90 -26.00 -16.83
C VAL C 215 5.17 -25.35 -17.33
N ASP C 216 6.22 -26.15 -17.50
CA ASP C 216 7.39 -25.67 -18.21
C ASP C 216 7.11 -25.92 -19.68
N LYS C 217 7.76 -25.18 -20.57
CA LYS C 217 7.33 -25.20 -21.96
C LYS C 217 8.44 -24.83 -22.93
N LYS C 218 8.49 -25.51 -24.07
CA LYS C 218 9.53 -25.26 -25.07
C LYS C 218 9.03 -24.50 -26.30
N ILE C 219 9.91 -23.65 -26.83
CA ILE C 219 9.59 -22.82 -27.99
C ILE C 219 10.71 -22.83 -29.04
#